data_4GIT
#
_entry.id   4GIT
#
_cell.length_a   94.283
_cell.length_b   94.283
_cell.length_c   94.283
_cell.angle_alpha   90.00
_cell.angle_beta   90.00
_cell.angle_gamma   90.00
#
_symmetry.space_group_name_H-M   'P 2 3'
#
loop_
_entity.id
_entity.type
_entity.pdbx_description
1 polymer 'Lon protease'
2 non-polymer 'SULFATE ION'
3 water water
#
_entity_poly.entity_id   1
_entity_poly.type   'polypeptide(L)'
_entity_poly.pdbx_seq_one_letter_code
;MAGYTELEKLHIMRDYLLPKQMEEHGLGRDKLQMNEEAMLKVIRQYTREAGVRNLNREAANICRKAARLIVSGEKKRVVV
TPKTVESLLGKPRYRYGLAEREDQVGAVTGLAWTQALEHHHHHH
;
_entity_poly.pdbx_strand_id   A,B
#
loop_
_chem_comp.id
_chem_comp.type
_chem_comp.name
_chem_comp.formula
SO4 non-polymer 'SULFATE ION' 'O4 S -2'
#
# COMPACT_ATOMS: atom_id res chain seq x y z
N GLY A 3 -18.75 17.21 10.90
CA GLY A 3 -19.66 16.16 10.46
C GLY A 3 -19.64 14.97 11.42
N TYR A 4 -18.68 14.08 11.22
CA TYR A 4 -18.51 12.93 12.12
C TYR A 4 -17.80 13.30 13.40
N THR A 5 -18.34 12.86 14.52
CA THR A 5 -17.66 13.02 15.79
C THR A 5 -16.57 11.97 15.90
N GLU A 6 -15.68 12.15 16.88
CA GLU A 6 -14.62 11.20 17.15
C GLU A 6 -15.18 9.78 17.26
N LEU A 7 -16.20 9.63 18.11
CA LEU A 7 -16.83 8.32 18.32
C LEU A 7 -17.40 7.77 17.02
N GLU A 8 -18.01 8.62 16.21
CA GLU A 8 -18.46 8.17 14.90
C GLU A 8 -17.28 7.70 14.07
N LYS A 9 -16.23 8.53 14.00
CA LYS A 9 -15.04 8.18 13.21
C LYS A 9 -14.38 6.90 13.73
N LEU A 10 -14.41 6.73 15.05
CA LEU A 10 -13.86 5.52 15.67
C LEU A 10 -14.61 4.28 15.15
N HIS A 11 -15.93 4.42 15.00
CA HIS A 11 -16.72 3.25 14.64
C HIS A 11 -16.46 2.90 13.19
N ILE A 12 -16.43 3.95 12.37
CA ILE A 12 -16.07 3.84 10.96
C ILE A 12 -14.69 3.23 10.75
N MET A 13 -13.68 3.68 11.51
CA MET A 13 -12.36 3.10 11.30
C MET A 13 -12.30 1.62 11.71
N ARG A 14 -12.91 1.32 12.86
CA ARG A 14 -12.97 -0.04 13.39
C ARG A 14 -13.79 -0.99 12.52
N ASP A 15 -14.94 -0.52 12.06
CA ASP A 15 -15.88 -1.40 11.38
C ASP A 15 -15.76 -1.39 9.87
N TYR A 16 -15.25 -0.29 9.32
CA TYR A 16 -15.18 -0.17 7.86
C TYR A 16 -13.79 0.09 7.27
N LEU A 17 -13.15 1.16 7.71
CA LEU A 17 -11.87 1.56 7.13
C LEU A 17 -10.74 0.56 7.34
N LEU A 18 -10.46 0.24 8.60
CA LEU A 18 -9.37 -0.71 8.86
C LEU A 18 -9.63 -2.10 8.26
N PRO A 19 -10.86 -2.66 8.41
CA PRO A 19 -11.08 -3.99 7.83
C PRO A 19 -10.88 -3.99 6.32
N LYS A 20 -11.31 -2.92 5.66
CA LYS A 20 -11.15 -2.78 4.21
C LYS A 20 -9.66 -2.76 3.84
N GLN A 21 -8.91 -1.80 4.39
CA GLN A 21 -7.46 -1.71 4.17
C GLN A 21 -6.76 -3.03 4.42
N MET A 22 -7.06 -3.66 5.57
CA MET A 22 -6.45 -4.94 5.92
C MET A 22 -6.62 -5.97 4.80
N GLU A 23 -7.81 -6.04 4.20
CA GLU A 23 -8.03 -6.98 3.11
C GLU A 23 -7.29 -6.52 1.86
N GLU A 24 -7.17 -5.19 1.72
CA GLU A 24 -6.56 -4.55 0.56
C GLU A 24 -5.05 -4.76 0.56
N HIS A 25 -4.52 -4.99 1.75
CA HIS A 25 -3.11 -5.27 1.97
C HIS A 25 -2.92 -6.74 2.35
N GLY A 26 -4.03 -7.49 2.29
CA GLY A 26 -4.03 -8.91 2.58
C GLY A 26 -3.56 -9.26 3.98
N LEU A 27 -4.01 -8.49 4.96
CA LEU A 27 -3.71 -8.76 6.34
C LEU A 27 -4.92 -9.41 7.00
N GLY A 28 -4.75 -10.64 7.47
CA GLY A 28 -5.75 -11.28 8.29
C GLY A 28 -5.70 -10.69 9.69
N ARG A 29 -6.60 -11.14 10.55
CA ARG A 29 -6.68 -10.58 11.89
C ARG A 29 -5.63 -11.20 12.83
N ASP A 30 -5.09 -12.36 12.44
CA ASP A 30 -3.98 -12.95 13.16
C ASP A 30 -2.72 -12.19 12.76
N LYS A 31 -2.82 -11.45 11.65
CA LYS A 31 -1.70 -10.70 11.10
C LYS A 31 -1.63 -9.26 11.66
N LEU A 32 -2.78 -8.58 11.73
CA LEU A 32 -2.80 -7.23 12.29
C LEU A 32 -3.90 -7.04 13.34
N GLN A 33 -3.54 -6.44 14.46
CA GLN A 33 -4.49 -6.04 15.49
C GLN A 33 -4.25 -4.59 15.85
N MET A 34 -5.33 -3.82 15.97
CA MET A 34 -5.20 -2.42 16.39
C MET A 34 -6.29 -2.10 17.37
N ASN A 35 -5.90 -1.49 18.49
CA ASN A 35 -6.87 -1.20 19.55
C ASN A 35 -7.55 0.16 19.36
N GLU A 36 -8.69 0.33 20.07
CA GLU A 36 -9.51 1.52 19.91
C GLU A 36 -8.79 2.77 20.37
N GLU A 37 -8.01 2.62 21.44
CA GLU A 37 -7.17 3.72 21.89
C GLU A 37 -6.28 4.17 20.74
N ALA A 38 -5.67 3.23 20.04
CA ALA A 38 -4.79 3.55 18.92
C ALA A 38 -5.52 4.32 17.81
N MET A 39 -6.68 3.79 17.37
CA MET A 39 -7.49 4.43 16.34
C MET A 39 -7.81 5.86 16.75
N LEU A 40 -8.40 6.00 17.94
CA LEU A 40 -8.72 7.30 18.53
C LEU A 40 -7.55 8.26 18.46
N LYS A 41 -6.38 7.74 18.81
CA LYS A 41 -5.14 8.49 18.74
C LYS A 41 -4.87 9.06 17.36
N VAL A 42 -4.87 8.19 16.34
CA VAL A 42 -4.56 8.65 14.97
C VAL A 42 -5.61 9.64 14.48
N ILE A 43 -6.87 9.43 14.88
CA ILE A 43 -7.92 10.40 14.56
C ILE A 43 -7.55 11.80 15.03
N ARG A 44 -7.13 11.93 16.28
CA ARG A 44 -6.86 13.24 16.87
C ARG A 44 -5.53 13.87 16.50
N GLN A 45 -4.45 13.08 16.57
CA GLN A 45 -3.10 13.60 16.36
C GLN A 45 -2.74 13.69 14.89
N TYR A 46 -3.23 12.74 14.09
CA TYR A 46 -2.79 12.59 12.71
C TYR A 46 -3.85 12.99 11.68
N THR A 47 -4.91 13.63 12.12
CA THR A 47 -6.04 13.91 11.26
C THR A 47 -6.79 15.14 11.71
N ARG A 48 -7.05 16.03 10.78
CA ARG A 48 -8.10 17.03 10.99
C ARG A 48 -8.88 17.16 9.70
N GLU A 49 -10.19 16.91 9.80
CA GLU A 49 -11.08 16.77 8.65
C GLU A 49 -12.49 16.56 9.16
N ALA A 50 -13.48 16.89 8.33
CA ALA A 50 -14.87 16.63 8.69
C ALA A 50 -15.14 15.14 8.54
N GLY A 51 -14.58 14.60 7.45
CA GLY A 51 -14.83 13.22 7.06
C GLY A 51 -13.68 12.30 7.40
N VAL A 52 -13.43 11.34 6.52
CA VAL A 52 -12.53 10.24 6.86
C VAL A 52 -11.49 9.94 5.80
N ARG A 53 -11.31 10.88 4.87
CA ARG A 53 -10.41 10.71 3.73
C ARG A 53 -8.97 10.45 4.19
N ASN A 54 -8.42 11.36 5.00
CA ASN A 54 -7.10 11.12 5.59
C ASN A 54 -7.08 9.94 6.51
N LEU A 55 -8.19 9.74 7.23
CA LEU A 55 -8.29 8.65 8.18
C LEU A 55 -8.09 7.35 7.41
N ASN A 56 -8.85 7.22 6.34
CA ASN A 56 -8.68 6.06 5.50
C ASN A 56 -7.23 5.98 4.95
N ARG A 57 -6.70 7.14 4.57
CA ARG A 57 -5.32 7.24 4.08
C ARG A 57 -4.33 6.74 5.14
N GLU A 58 -4.52 7.20 6.39
CA GLU A 58 -3.68 6.73 7.50
C GLU A 58 -3.83 5.24 7.81
N ALA A 59 -5.07 4.76 7.75
CA ALA A 59 -5.36 3.34 7.89
C ALA A 59 -4.59 2.53 6.84
N ALA A 60 -4.57 3.04 5.60
CA ALA A 60 -3.86 2.35 4.54
C ALA A 60 -2.38 2.36 4.87
N ASN A 61 -1.90 3.48 5.41
CA ASN A 61 -0.48 3.60 5.73
C ASN A 61 -0.07 2.58 6.76
N ILE A 62 -0.96 2.39 7.74
CA ILE A 62 -0.71 1.46 8.81
C ILE A 62 -0.61 0.02 8.28
N CYS A 63 -1.51 -0.33 7.37
CA CYS A 63 -1.49 -1.67 6.76
C CYS A 63 -0.21 -1.91 5.95
N ARG A 64 0.13 -0.93 5.13
CA ARG A 64 1.34 -1.00 4.32
C ARG A 64 2.58 -1.19 5.16
N LYS A 65 2.61 -0.54 6.31
CA LYS A 65 3.79 -0.52 7.14
C LYS A 65 3.83 -1.76 7.99
N ALA A 66 2.64 -2.23 8.35
CA ALA A 66 2.50 -3.54 9.00
C ALA A 66 2.99 -4.61 8.05
N ALA A 67 2.44 -4.63 6.84
CA ALA A 67 2.82 -5.67 5.87
C ALA A 67 4.32 -5.59 5.54
N ARG A 68 4.89 -4.40 5.71
CA ARG A 68 6.33 -4.19 5.57
C ARG A 68 7.05 -5.07 6.61
N LEU A 69 6.55 -5.08 7.85
CA LEU A 69 7.16 -5.88 8.91
C LEU A 69 7.10 -7.39 8.70
N ILE A 70 6.03 -7.89 8.12
CA ILE A 70 5.92 -9.32 7.83
C ILE A 70 6.68 -9.74 6.56
N VAL A 71 6.72 -8.86 5.56
CA VAL A 71 7.60 -9.08 4.41
C VAL A 71 8.67 -7.99 4.25
N SER A 72 9.75 -8.08 5.02
CA SER A 72 9.87 -9.03 6.12
C SER A 72 10.63 -8.41 7.30
N GLY A 73 10.67 -9.14 8.41
CA GLY A 73 11.36 -8.67 9.60
C GLY A 73 10.72 -9.24 10.85
N GLU A 74 10.60 -8.39 11.87
CA GLU A 74 9.85 -8.74 13.07
C GLU A 74 8.71 -7.73 13.22
N LYS A 75 7.48 -8.22 13.32
CA LYS A 75 7.25 -9.62 13.64
C LYS A 75 6.59 -10.46 12.53
N LYS A 76 5.65 -11.29 12.95
CA LYS A 76 4.86 -12.17 12.08
C LYS A 76 3.43 -11.70 12.21
N ARG A 77 3.15 -11.08 13.34
CA ARG A 77 1.86 -10.47 13.65
C ARG A 77 2.09 -9.09 14.27
N VAL A 78 1.52 -8.06 13.67
CA VAL A 78 1.67 -6.70 14.15
C VAL A 78 0.51 -6.28 15.06
N VAL A 79 0.82 -5.70 16.22
CA VAL A 79 -0.21 -5.21 17.14
C VAL A 79 -0.04 -3.71 17.39
N VAL A 80 -1.11 -2.95 17.18
CA VAL A 80 -0.98 -1.49 17.21
C VAL A 80 -1.57 -0.88 18.49
N THR A 81 -0.68 -0.38 19.35
CA THR A 81 -1.08 0.33 20.54
C THR A 81 -0.80 1.80 20.30
N PRO A 82 -1.35 2.68 21.15
CA PRO A 82 -1.00 4.10 21.02
C PRO A 82 0.51 4.32 21.05
N LYS A 83 1.23 3.40 21.70
CA LYS A 83 2.67 3.45 21.68
C LYS A 83 3.19 3.24 20.26
N THR A 84 2.91 2.07 19.69
CA THR A 84 3.45 1.68 18.39
C THR A 84 2.97 2.56 17.22
N VAL A 85 1.90 3.30 17.44
CA VAL A 85 1.41 4.26 16.46
C VAL A 85 2.51 5.20 15.98
N GLU A 86 3.23 5.78 16.93
CA GLU A 86 4.31 6.72 16.69
C GLU A 86 5.36 6.11 15.77
N SER A 87 5.81 4.91 16.12
CA SER A 87 6.85 4.22 15.39
C SER A 87 6.31 3.62 14.09
N LEU A 88 5.32 4.28 13.50
CA LEU A 88 4.63 3.76 12.32
C LEU A 88 4.17 4.94 11.48
N LEU A 89 3.94 6.08 12.11
CA LEU A 89 3.39 7.27 11.45
C LEU A 89 4.18 8.51 11.84
N GLY A 90 5.18 8.32 12.71
CA GLY A 90 5.96 9.41 13.23
C GLY A 90 5.29 10.23 14.33
N LYS A 91 5.81 11.44 14.55
CA LYS A 91 5.36 12.31 15.63
C LYS A 91 3.92 12.73 15.37
N PRO A 92 3.14 12.97 16.43
CA PRO A 92 1.77 13.45 16.15
C PRO A 92 1.78 14.76 15.37
N ARG A 93 0.91 14.87 14.38
CA ARG A 93 0.86 16.10 13.60
C ARG A 93 0.14 17.16 14.46
N TYR A 94 -0.83 16.72 15.27
CA TYR A 94 -1.72 17.62 16.00
C TYR A 94 -1.74 17.31 17.49
N GLY B 3 4.65 15.07 -22.83
CA GLY B 3 5.93 15.30 -22.20
C GLY B 3 6.86 14.10 -22.23
N TYR B 4 6.49 13.05 -21.49
CA TYR B 4 7.34 11.85 -21.46
C TYR B 4 6.99 10.87 -22.55
N THR B 5 7.99 10.53 -23.34
CA THR B 5 7.86 9.47 -24.32
C THR B 5 7.74 8.20 -23.50
N GLU B 6 7.26 7.13 -24.12
CA GLU B 6 7.06 5.91 -23.36
C GLU B 6 8.39 5.27 -22.95
N LEU B 7 9.43 5.45 -23.77
CA LEU B 7 10.78 5.00 -23.39
C LEU B 7 11.28 5.77 -22.17
N GLU B 8 10.99 7.07 -22.15
CA GLU B 8 11.31 7.90 -21.04
C GLU B 8 10.60 7.41 -19.79
N LYS B 9 9.31 7.09 -19.93
CA LYS B 9 8.54 6.61 -18.78
C LYS B 9 9.07 5.28 -18.27
N LEU B 10 9.63 4.49 -19.17
CA LEU B 10 10.20 3.19 -18.83
C LEU B 10 11.39 3.34 -17.89
N HIS B 11 12.23 4.35 -18.17
CA HIS B 11 13.45 4.53 -17.36
C HIS B 11 13.08 5.03 -15.98
N ILE B 12 12.23 6.04 -15.95
CA ILE B 12 11.64 6.56 -14.72
C ILE B 12 10.97 5.45 -13.91
N MET B 13 10.14 4.67 -14.60
CA MET B 13 9.48 3.51 -13.99
C MET B 13 10.52 2.53 -13.39
N ARG B 14 11.47 2.08 -14.23
CA ARG B 14 12.48 1.10 -13.85
C ARG B 14 13.47 1.57 -12.79
N ASP B 15 14.06 2.75 -13.01
CA ASP B 15 15.14 3.23 -12.16
C ASP B 15 14.57 4.02 -11.01
N TYR B 16 13.32 4.45 -11.16
CA TYR B 16 12.82 5.29 -10.10
C TYR B 16 11.51 4.91 -9.37
N LEU B 17 10.39 4.90 -10.09
CA LEU B 17 9.10 4.67 -9.49
C LEU B 17 8.99 3.31 -8.78
N LEU B 18 9.29 2.24 -9.50
CA LEU B 18 9.22 0.92 -8.89
C LEU B 18 10.21 0.75 -7.74
N PRO B 19 11.47 1.21 -7.89
CA PRO B 19 12.40 1.08 -6.76
C PRO B 19 11.85 1.76 -5.50
N LYS B 20 11.39 3.00 -5.66
CA LYS B 20 10.79 3.75 -4.57
C LYS B 20 9.63 2.97 -3.93
N GLN B 21 8.67 2.57 -4.76
CA GLN B 21 7.50 1.81 -4.29
C GLN B 21 7.89 0.53 -3.57
N MET B 22 8.81 -0.24 -4.16
CA MET B 22 9.32 -1.46 -3.53
C MET B 22 9.85 -1.17 -2.13
N GLU B 23 10.59 -0.09 -2.00
CA GLU B 23 11.08 0.35 -0.69
C GLU B 23 9.93 0.70 0.27
N GLU B 24 8.88 1.31 -0.26
CA GLU B 24 7.72 1.79 0.51
C GLU B 24 6.83 0.64 1.04
N HIS B 25 6.86 -0.48 0.30
CA HIS B 25 6.16 -1.70 0.68
C HIS B 25 7.12 -2.76 1.25
N GLY B 26 8.35 -2.34 1.52
CA GLY B 26 9.38 -3.22 2.07
C GLY B 26 9.75 -4.43 1.25
N LEU B 27 9.78 -4.29 -0.07
CA LEU B 27 10.15 -5.41 -0.95
C LEU B 27 11.60 -5.33 -1.42
N GLY B 28 12.34 -6.41 -1.19
CA GLY B 28 13.67 -6.56 -1.73
C GLY B 28 13.56 -7.06 -3.15
N ARG B 29 14.71 -7.08 -3.85
CA ARG B 29 14.77 -7.54 -5.23
C ARG B 29 14.55 -9.06 -5.34
N ASP B 30 14.82 -9.78 -4.26
CA ASP B 30 14.64 -11.22 -4.22
C ASP B 30 13.17 -11.53 -4.00
N LYS B 31 12.36 -10.47 -3.83
CA LYS B 31 10.96 -10.61 -3.49
C LYS B 31 10.05 -10.14 -4.62
N LEU B 32 10.43 -9.04 -5.26
CA LEU B 32 9.69 -8.57 -6.43
C LEU B 32 10.62 -8.35 -7.60
N GLN B 33 10.33 -9.04 -8.70
CA GLN B 33 11.10 -8.90 -9.93
C GLN B 33 10.12 -8.40 -10.99
N MET B 34 10.49 -7.36 -11.75
CA MET B 34 9.61 -6.93 -12.84
C MET B 34 10.36 -6.58 -14.10
N ASN B 35 10.02 -7.29 -15.17
CA ASN B 35 10.66 -7.09 -16.45
C ASN B 35 10.16 -5.83 -17.17
N GLU B 36 10.96 -5.38 -18.14
CA GLU B 36 10.67 -4.16 -18.89
C GLU B 36 9.42 -4.29 -19.74
N GLU B 37 9.28 -5.43 -20.41
CA GLU B 37 8.06 -5.69 -21.16
C GLU B 37 6.84 -5.40 -20.29
N ALA B 38 6.86 -5.90 -19.05
CA ALA B 38 5.76 -5.67 -18.11
C ALA B 38 5.49 -4.18 -17.86
N MET B 39 6.55 -3.47 -17.44
CA MET B 39 6.48 -2.03 -17.21
C MET B 39 5.85 -1.32 -18.40
N LEU B 40 6.44 -1.54 -19.57
CA LEU B 40 5.93 -0.97 -20.81
C LEU B 40 4.45 -1.23 -21.00
N LYS B 41 4.05 -2.46 -20.71
CA LYS B 41 2.66 -2.87 -20.77
C LYS B 41 1.80 -1.97 -19.90
N VAL B 42 2.15 -1.85 -18.62
CA VAL B 42 1.31 -1.05 -17.74
C VAL B 42 1.30 0.40 -18.19
N ILE B 43 2.42 0.90 -18.67
CA ILE B 43 2.47 2.25 -19.22
C ILE B 43 1.44 2.41 -20.35
N ARG B 44 1.50 1.52 -21.33
CA ARG B 44 0.65 1.66 -22.51
C ARG B 44 -0.81 1.27 -22.24
N GLN B 45 -1.02 0.18 -21.52
CA GLN B 45 -2.35 -0.40 -21.40
C GLN B 45 -3.16 0.05 -20.17
N TYR B 46 -2.50 0.71 -19.22
CA TYR B 46 -3.18 1.13 -18.00
C TYR B 46 -2.98 2.60 -17.65
N THR B 47 -2.54 3.40 -18.60
CA THR B 47 -2.08 4.74 -18.29
C THR B 47 -2.30 5.74 -19.43
N ARG B 48 -3.21 6.67 -19.21
CA ARG B 48 -3.35 7.83 -20.10
C ARG B 48 -2.89 9.01 -19.27
N GLU B 49 -1.74 9.56 -19.60
CA GLU B 49 -1.20 10.73 -18.89
C GLU B 49 0.04 11.27 -19.57
N ALA B 50 0.37 12.52 -19.29
CA ALA B 50 1.60 13.11 -19.77
C ALA B 50 2.74 12.72 -18.85
N GLY B 51 2.40 12.58 -17.56
CA GLY B 51 3.40 12.39 -16.54
C GLY B 51 3.44 10.98 -16.02
N VAL B 52 3.65 10.83 -14.72
CA VAL B 52 3.87 9.52 -14.14
C VAL B 52 3.05 9.31 -12.87
N ARG B 53 2.12 10.21 -12.63
CA ARG B 53 1.24 10.17 -11.45
C ARG B 53 0.51 8.82 -11.36
N ASN B 54 -0.30 8.49 -12.35
CA ASN B 54 -0.97 7.21 -12.35
C ASN B 54 0.03 6.06 -12.43
N LEU B 55 1.09 6.29 -13.21
CA LEU B 55 2.12 5.28 -13.36
C LEU B 55 2.66 4.92 -11.98
N ASN B 56 3.03 5.95 -11.23
CA ASN B 56 3.48 5.72 -9.89
C ASN B 56 2.41 5.01 -9.06
N ARG B 57 1.15 5.39 -9.27
CA ARG B 57 0.05 4.76 -8.55
C ARG B 57 -0.10 3.28 -8.93
N GLU B 58 0.17 2.96 -10.19
CA GLU B 58 0.08 1.56 -10.58
C GLU B 58 1.24 0.75 -10.02
N ALA B 59 2.43 1.37 -10.01
CA ALA B 59 3.59 0.77 -9.37
C ALA B 59 3.29 0.51 -7.89
N ALA B 60 2.63 1.45 -7.23
CA ALA B 60 2.32 1.24 -5.83
C ALA B 60 1.37 0.07 -5.72
N ASN B 61 0.50 -0.07 -6.72
CA ASN B 61 -0.53 -1.09 -6.64
C ASN B 61 0.06 -2.44 -6.81
N ILE B 62 1.05 -2.50 -7.70
CA ILE B 62 1.73 -3.73 -7.96
C ILE B 62 2.46 -4.17 -6.69
N CYS B 63 3.11 -3.22 -6.03
CA CYS B 63 3.83 -3.55 -4.81
C CYS B 63 2.89 -4.07 -3.73
N ARG B 64 1.78 -3.37 -3.57
CA ARG B 64 0.79 -3.78 -2.58
C ARG B 64 0.26 -5.18 -2.86
N LYS B 65 -0.04 -5.46 -4.12
CA LYS B 65 -0.63 -6.74 -4.45
C LYS B 65 0.41 -7.84 -4.36
N ALA B 66 1.65 -7.49 -4.68
CA ALA B 66 2.77 -8.40 -4.49
C ALA B 66 2.90 -8.77 -3.03
N ALA B 67 3.08 -7.76 -2.19
CA ALA B 67 3.32 -7.98 -0.77
C ALA B 67 2.13 -8.69 -0.12
N ARG B 68 0.97 -8.56 -0.76
CA ARG B 68 -0.23 -9.27 -0.35
C ARG B 68 0.02 -10.77 -0.47
N LEU B 69 0.67 -11.17 -1.57
CA LEU B 69 0.96 -12.59 -1.84
C LEU B 69 1.98 -13.20 -0.91
N ILE B 70 2.99 -12.43 -0.52
CA ILE B 70 3.94 -12.92 0.47
C ILE B 70 3.32 -13.03 1.87
N VAL B 71 2.54 -12.04 2.28
CA VAL B 71 1.79 -12.13 3.53
C VAL B 71 0.27 -12.13 3.32
N SER B 72 -0.31 -13.28 2.99
CA SER B 72 0.41 -14.49 2.61
C SER B 72 -0.38 -15.24 1.56
N GLY B 73 0.26 -16.18 0.89
CA GLY B 73 -0.43 -16.98 -0.09
C GLY B 73 0.54 -17.69 -1.03
N GLU B 74 0.19 -17.65 -2.31
CA GLU B 74 0.95 -18.27 -3.39
C GLU B 74 2.44 -18.33 -3.10
N LYS B 75 3.07 -17.15 -3.15
CA LYS B 75 4.52 -17.09 -3.35
C LYS B 75 5.36 -16.49 -2.21
N LYS B 76 6.67 -16.64 -2.33
CA LYS B 76 7.64 -16.04 -1.42
C LYS B 76 8.33 -14.89 -2.15
N ARG B 77 8.46 -15.05 -3.47
CA ARG B 77 8.89 -13.96 -4.36
C ARG B 77 7.89 -13.80 -5.51
N VAL B 78 7.63 -12.56 -5.96
CA VAL B 78 6.72 -12.36 -7.08
C VAL B 78 7.45 -11.92 -8.37
N VAL B 79 7.17 -12.58 -9.48
CA VAL B 79 7.75 -12.15 -10.75
C VAL B 79 6.69 -11.65 -11.74
N VAL B 80 6.85 -10.39 -12.10
CA VAL B 80 5.89 -9.71 -12.94
C VAL B 80 6.29 -9.74 -14.43
N THR B 81 5.59 -10.57 -15.18
CA THR B 81 5.72 -10.60 -16.62
C THR B 81 4.51 -9.84 -17.14
N PRO B 82 4.51 -9.52 -18.44
CA PRO B 82 3.28 -9.02 -19.04
C PRO B 82 2.12 -9.97 -18.70
N LYS B 83 2.37 -11.28 -18.75
CA LYS B 83 1.35 -12.25 -18.42
C LYS B 83 0.71 -11.93 -17.07
N THR B 84 1.51 -11.97 -16.01
CA THR B 84 1.01 -11.80 -14.64
C THR B 84 0.46 -10.40 -14.30
N VAL B 85 0.41 -9.51 -15.30
CA VAL B 85 -0.09 -8.16 -15.07
C VAL B 85 -1.60 -8.13 -14.84
N GLU B 86 -2.34 -8.89 -15.64
CA GLU B 86 -3.79 -8.98 -15.48
C GLU B 86 -4.13 -9.43 -14.05
N SER B 87 -3.36 -10.40 -13.57
CA SER B 87 -3.63 -11.07 -12.29
C SER B 87 -3.41 -10.15 -11.12
N LEU B 88 -2.99 -8.93 -11.42
CA LEU B 88 -2.65 -7.93 -10.43
C LEU B 88 -3.44 -6.68 -10.71
N LEU B 89 -3.79 -6.47 -11.98
CA LEU B 89 -4.34 -5.18 -12.42
C LEU B 89 -5.59 -5.26 -13.29
N GLY B 90 -5.87 -6.44 -13.85
CA GLY B 90 -7.05 -6.63 -14.68
C GLY B 90 -6.96 -6.24 -16.15
N LYS B 91 -8.12 -5.95 -16.73
CA LYS B 91 -8.26 -5.58 -18.14
C LYS B 91 -7.54 -4.28 -18.44
N PRO B 92 -6.65 -4.31 -19.45
CA PRO B 92 -5.95 -3.13 -19.97
C PRO B 92 -6.92 -2.02 -20.29
N ARG B 93 -6.91 -0.93 -19.51
CA ARG B 93 -7.80 0.19 -19.77
C ARG B 93 -7.49 0.86 -21.10
N TYR B 94 -7.55 0.09 -22.17
CA TYR B 94 -7.27 0.55 -23.52
C TYR B 94 -7.94 -0.36 -24.56
S SO4 C . 8.43 6.27 5.96
O1 SO4 C . 8.22 7.47 6.77
O2 SO4 C . 8.87 5.17 6.81
O3 SO4 C . 7.19 5.92 5.28
O4 SO4 C . 9.46 6.55 4.95
S SO4 D . -8.63 -5.46 -6.22
O1 SO4 D . -9.85 -5.30 -5.43
O2 SO4 D . -8.23 -6.86 -6.19
O3 SO4 D . -8.90 -5.07 -7.61
O4 SO4 D . -7.59 -4.60 -5.66
#